data_8WHP
#
_entry.id   8WHP
#
_cell.length_a   76.669
_cell.length_b   83.815
_cell.length_c   61.747
_cell.angle_alpha   90.00
_cell.angle_beta   100.82
_cell.angle_gamma   90.00
#
_symmetry.space_group_name_H-M   'C 1 2 1'
#
loop_
_entity.id
_entity.type
_entity.pdbx_description
1 polymer '4-hydroxyphenylpyruvate dioxygenase'
2 non-polymer 'COBALT (II) ION'
3 non-polymer 6-(1,3-dimethyl-5-oxidanyl-pyrazol-4-yl)carbonyl-3-(2-ethoxyethyl)-5-methyl-2-(trifluoromethyl)quinazolin-4-one
4 water water
#
_entity_poly.entity_id   1
_entity_poly.type   'polypeptide(L)'
_entity_poly.pdbx_seq_one_letter_code
;GSHMVRKNPKSDKFKVKRFHHIEFWCGDATNVARRFSWGLGMRFSAKSDLSTGNMVHASYLLTSGDLRFLFTAPYSPSLS
AGEIKPTTTASIPSFDHGSCRSFFSSHGLGVRAVAIEVEDAESAFSISVANGAIPSSPPIVLNEAVTIAEVKLYGDVVLR
YVSYKAEDTEKSEFLPGFERVEDASSFPLDYGIRRLDHAVGNVPELGPALTYVAGFTGFHQFAEFTADDVGTAESGLNSA
VLASNDEMVLLPINEPVHGTKRKSQIQTYLEHNEGAGLQHLALMSEDIFRTLREMRKRSSIGGFDFMPSPPPTYYQNLKK
RVGDVLSDDQIKECEELGILVDRDDQGTLLQIFTKPLGDRPTIFIEIIQRVGCMMKDEEGKAYQSGGCGGFGKGNFSELF
KSIEEYEKTLEAKQLVG
;
_entity_poly.pdbx_strand_id   A
#
loop_
_chem_comp.id
_chem_comp.type
_chem_comp.name
_chem_comp.formula
CO non-polymer 'COBALT (II) ION' 'Co 2'
WI0 non-polymer 6-(1,3-dimethyl-5-oxidanyl-pyrazol-4-yl)carbonyl-3-(2-ethoxyethyl)-5-methyl-2-(trifluoromethyl)quinazolin-4-one 'C20 H21 F3 N4 O4'
#
# COMPACT_ATOMS: atom_id res chain seq x y z
N LYS A 7 2.01 17.26 17.86
CA LYS A 7 2.03 18.50 17.12
C LYS A 7 2.09 18.26 15.61
N ASN A 8 1.31 19.05 14.87
CA ASN A 8 1.26 18.99 13.42
C ASN A 8 1.60 20.36 12.87
N PRO A 9 2.82 20.56 12.35
CA PRO A 9 3.21 21.88 11.83
C PRO A 9 2.61 22.21 10.47
N LYS A 10 1.96 21.26 9.81
CA LYS A 10 1.30 21.48 8.52
C LYS A 10 2.24 22.13 7.51
N SER A 11 3.36 21.46 7.24
CA SER A 11 4.43 22.03 6.43
C SER A 11 4.53 21.44 5.02
N ASP A 12 3.45 20.83 4.49
CA ASP A 12 3.47 20.34 3.12
C ASP A 12 3.92 21.43 2.16
N LYS A 13 4.84 21.08 1.26
CA LYS A 13 5.32 22.10 0.32
C LYS A 13 4.42 22.23 -0.89
N PHE A 14 3.44 21.34 -1.06
CA PHE A 14 2.44 21.47 -2.10
C PHE A 14 1.15 20.87 -1.57
N LYS A 15 0.04 21.15 -2.26
CA LYS A 15 -1.28 20.73 -1.79
C LYS A 15 -1.50 19.26 -2.17
N VAL A 16 -1.69 18.42 -1.16
CA VAL A 16 -1.84 16.97 -1.31
C VAL A 16 -3.26 16.63 -0.90
N LYS A 17 -3.91 15.77 -1.68
CA LYS A 17 -5.28 15.39 -1.37
C LYS A 17 -5.32 14.02 -0.70
N ARG A 18 -5.35 12.92 -1.48
CA ARG A 18 -5.40 11.59 -0.90
C ARG A 18 -4.52 10.62 -1.69
N PHE A 19 -4.32 9.44 -1.11
CA PHE A 19 -3.84 8.31 -1.89
C PHE A 19 -4.75 8.13 -3.09
N HIS A 20 -4.14 7.97 -4.27
CA HIS A 20 -4.90 7.78 -5.50
C HIS A 20 -4.89 6.34 -5.99
N HIS A 21 -3.73 5.72 -6.11
CA HIS A 21 -3.65 4.32 -6.52
C HIS A 21 -2.27 3.78 -6.19
N ILE A 22 -2.17 2.45 -6.27
CA ILE A 22 -0.92 1.72 -6.08
C ILE A 22 -0.69 0.90 -7.34
N GLU A 23 0.49 0.99 -7.94
CA GLU A 23 0.78 0.22 -9.14
C GLU A 23 1.80 -0.88 -8.87
N PHE A 24 1.42 -2.11 -9.20
CA PHE A 24 2.29 -3.27 -9.17
C PHE A 24 2.93 -3.44 -10.53
N TRP A 25 4.23 -3.68 -10.56
CA TRP A 25 4.89 -4.12 -11.77
C TRP A 25 5.02 -5.63 -11.73
N CYS A 26 4.55 -6.28 -12.79
CA CYS A 26 4.32 -7.71 -12.84
C CYS A 26 5.04 -8.30 -14.05
N GLY A 27 5.10 -9.63 -14.08
CA GLY A 27 5.51 -10.31 -15.30
C GLY A 27 4.33 -10.58 -16.22
N ASP A 28 3.23 -11.01 -15.62
CA ASP A 28 1.95 -11.16 -16.30
C ASP A 28 0.90 -10.42 -15.47
N ALA A 29 0.40 -9.29 -15.98
CA ALA A 29 -0.56 -8.53 -15.19
C ALA A 29 -1.91 -9.24 -15.07
N THR A 30 -2.31 -9.97 -16.11
CA THR A 30 -3.60 -10.68 -16.11
C THR A 30 -3.73 -11.60 -14.89
N ASN A 31 -2.72 -12.45 -14.65
CA ASN A 31 -2.87 -13.48 -13.63
C ASN A 31 -2.77 -12.89 -12.22
N VAL A 32 -1.90 -11.91 -12.02
CA VAL A 32 -1.83 -11.23 -10.72
C VAL A 32 -3.15 -10.51 -10.46
N ALA A 33 -3.65 -9.77 -11.46
CA ALA A 33 -4.88 -9.01 -11.22
C ALA A 33 -6.05 -9.95 -10.94
N ARG A 34 -6.15 -11.07 -11.65
CA ARG A 34 -7.29 -11.97 -11.38
C ARG A 34 -7.18 -12.59 -10.00
N ARG A 35 -5.96 -12.98 -9.58
CA ARG A 35 -5.76 -13.51 -8.24
C ARG A 35 -6.16 -12.48 -7.18
N PHE A 36 -5.63 -11.26 -7.28
CA PHE A 36 -5.94 -10.21 -6.31
C PHE A 36 -7.43 -9.89 -6.27
N SER A 37 -8.08 -9.85 -7.44
CA SER A 37 -9.50 -9.53 -7.49
C SER A 37 -10.33 -10.50 -6.66
N TRP A 38 -10.10 -11.80 -6.85
CA TRP A 38 -10.80 -12.83 -6.10
C TRP A 38 -10.40 -12.81 -4.63
N GLY A 39 -9.10 -12.65 -4.36
CA GLY A 39 -8.62 -12.74 -2.99
C GLY A 39 -9.01 -11.55 -2.12
N LEU A 40 -9.10 -10.35 -2.70
CA LEU A 40 -9.41 -9.15 -1.93
C LEU A 40 -10.82 -8.60 -2.15
N GLY A 41 -11.55 -9.13 -3.11
CA GLY A 41 -12.88 -8.64 -3.41
C GLY A 41 -12.84 -7.29 -4.09
N MET A 42 -12.01 -7.18 -5.13
CA MET A 42 -11.92 -5.95 -5.89
C MET A 42 -12.45 -6.19 -7.30
N ARG A 43 -13.12 -5.19 -7.84
CA ARG A 43 -13.75 -5.26 -9.14
C ARG A 43 -12.79 -4.81 -10.23
N PHE A 44 -12.85 -5.47 -11.38
CA PHE A 44 -12.16 -4.98 -12.58
C PHE A 44 -12.87 -3.72 -13.08
N SER A 45 -12.18 -2.58 -13.04
CA SER A 45 -12.76 -1.28 -13.35
C SER A 45 -12.30 -0.68 -14.67
N ALA A 46 -11.03 -0.85 -15.05
CA ALA A 46 -10.56 -0.25 -16.29
C ALA A 46 -9.37 -1.04 -16.80
N LYS A 47 -9.08 -0.85 -18.09
CA LYS A 47 -7.97 -1.53 -18.73
C LYS A 47 -7.34 -0.61 -19.77
N SER A 48 -6.05 -0.85 -20.02
CA SER A 48 -5.31 -0.26 -21.11
C SER A 48 -4.42 -1.39 -21.61
N ASP A 49 -4.69 -1.89 -22.81
CA ASP A 49 -3.94 -3.03 -23.32
C ASP A 49 -4.13 -3.06 -24.83
N LEU A 50 -3.76 -4.19 -25.45
CA LEU A 50 -3.86 -4.31 -26.89
C LEU A 50 -5.25 -3.97 -27.39
N SER A 51 -6.30 -4.35 -26.64
CA SER A 51 -7.64 -4.08 -27.12
C SER A 51 -8.02 -2.61 -27.03
N THR A 52 -7.25 -1.79 -26.32
CA THR A 52 -7.47 -0.35 -26.31
C THR A 52 -6.43 0.40 -27.14
N GLY A 53 -5.61 -0.31 -27.91
CA GLY A 53 -4.59 0.31 -28.73
C GLY A 53 -3.23 0.48 -28.08
N ASN A 54 -3.05 0.03 -26.84
CA ASN A 54 -1.76 0.11 -26.17
C ASN A 54 -0.89 -1.05 -26.64
N MET A 55 0.17 -0.75 -27.40
CA MET A 55 1.10 -1.75 -27.91
C MET A 55 2.30 -1.94 -26.99
N VAL A 56 2.37 -1.17 -25.91
CA VAL A 56 3.54 -1.11 -25.04
C VAL A 56 3.36 -1.93 -23.77
N HIS A 57 2.28 -1.70 -23.03
CA HIS A 57 2.10 -2.38 -21.75
C HIS A 57 0.64 -2.77 -21.57
N ALA A 58 0.43 -3.81 -20.77
CA ALA A 58 -0.89 -4.25 -20.34
C ALA A 58 -1.10 -3.75 -18.92
N SER A 59 -2.17 -2.97 -18.69
CA SER A 59 -2.46 -2.41 -17.39
C SER A 59 -3.93 -2.64 -17.04
N TYR A 60 -4.18 -3.25 -15.88
CA TYR A 60 -5.55 -3.56 -15.44
C TYR A 60 -5.77 -2.96 -14.07
N LEU A 61 -6.91 -2.31 -13.89
CA LEU A 61 -7.20 -1.59 -12.66
C LEU A 61 -8.29 -2.32 -11.90
N LEU A 62 -8.02 -2.62 -10.63
CA LEU A 62 -9.02 -3.14 -9.69
C LEU A 62 -9.41 -2.02 -8.74
N THR A 63 -10.68 -1.96 -8.36
CA THR A 63 -11.13 -0.99 -7.36
C THR A 63 -11.97 -1.67 -6.30
N SER A 64 -11.89 -1.13 -5.09
CA SER A 64 -12.87 -1.45 -4.04
C SER A 64 -13.07 -0.17 -3.24
N GLY A 65 -14.25 0.44 -3.33
CA GLY A 65 -14.43 1.77 -2.75
C GLY A 65 -13.49 2.77 -3.39
N ASP A 66 -12.65 3.44 -2.58
CA ASP A 66 -11.67 4.38 -3.10
C ASP A 66 -10.31 3.75 -3.36
N LEU A 67 -10.14 2.48 -3.02
CA LEU A 67 -8.85 1.81 -3.21
C LEU A 67 -8.69 1.43 -4.68
N ARG A 68 -7.54 1.80 -5.26
CA ARG A 68 -7.26 1.47 -6.65
C ARG A 68 -5.93 0.74 -6.73
N PHE A 69 -5.97 -0.50 -7.20
CA PHE A 69 -4.79 -1.32 -7.47
C PHE A 69 -4.59 -1.43 -8.97
N LEU A 70 -3.44 -1.00 -9.47
CA LEU A 70 -3.09 -1.09 -10.89
C LEU A 70 -2.03 -2.18 -11.10
N PHE A 71 -2.25 -3.05 -12.09
CA PHE A 71 -1.34 -4.16 -12.39
C PHE A 71 -0.87 -3.98 -13.82
N THR A 72 0.45 -3.82 -14.00
CA THR A 72 1.04 -3.53 -15.30
C THR A 72 2.19 -4.50 -15.61
N ALA A 73 2.27 -4.93 -16.87
CA ALA A 73 3.36 -5.75 -17.40
C ALA A 73 3.70 -5.30 -18.81
N PRO A 74 4.95 -5.49 -19.25
CA PRO A 74 5.32 -5.11 -20.63
C PRO A 74 4.96 -6.17 -21.64
N TYR A 75 4.56 -5.72 -22.84
CA TYR A 75 4.51 -6.59 -23.99
C TYR A 75 5.92 -6.75 -24.56
N SER A 76 6.04 -7.56 -25.61
CA SER A 76 7.29 -7.63 -26.36
C SER A 76 7.63 -6.24 -26.90
N PRO A 77 8.87 -5.77 -26.72
CA PRO A 77 9.24 -4.47 -27.33
C PRO A 77 9.01 -4.46 -28.83
N SER A 78 8.99 -5.62 -29.48
CA SER A 78 8.82 -5.67 -30.93
C SER A 78 7.50 -5.07 -31.37
N LEU A 79 6.47 -5.11 -30.52
CA LEU A 79 5.17 -4.57 -30.95
C LEU A 79 5.22 -3.05 -31.13
N SER A 80 6.10 -2.37 -30.41
CA SER A 80 6.15 -0.91 -30.40
C SER A 80 7.51 -0.40 -30.88
N ALA A 81 8.21 -1.21 -31.67
CA ALA A 81 9.58 -0.85 -32.03
C ALA A 81 9.62 0.39 -32.92
N GLY A 82 8.57 0.66 -33.69
CA GLY A 82 8.55 1.85 -34.51
C GLY A 82 8.17 3.10 -33.79
N GLU A 83 7.70 2.99 -32.55
CA GLU A 83 7.24 4.14 -31.78
C GLU A 83 8.41 4.95 -31.21
N ILE A 84 8.17 6.23 -31.03
CA ILE A 84 9.01 7.06 -30.19
C ILE A 84 8.10 7.69 -29.15
N LYS A 85 8.71 8.27 -28.12
CA LYS A 85 7.89 8.86 -27.06
C LYS A 85 6.83 9.82 -27.61
N PRO A 86 7.11 10.70 -28.58
CA PRO A 86 6.04 11.55 -29.12
C PRO A 86 4.93 10.79 -29.82
N THR A 87 5.19 9.57 -30.29
CA THR A 87 4.17 8.77 -30.98
C THR A 87 3.73 7.55 -30.15
N THR A 88 3.95 7.56 -28.85
CA THR A 88 3.75 6.35 -28.04
C THR A 88 2.28 5.98 -27.96
N THR A 89 2.01 4.67 -27.91
CA THR A 89 0.68 4.16 -27.58
C THR A 89 0.53 3.79 -26.11
N ALA A 90 1.59 3.97 -25.31
CA ALA A 90 1.48 3.70 -23.88
C ALA A 90 0.54 4.71 -23.22
N SER A 91 -0.37 4.22 -22.38
CA SER A 91 -1.24 5.12 -21.64
C SER A 91 -0.57 5.70 -20.41
N ILE A 92 0.54 5.12 -19.97
CA ILE A 92 1.31 5.64 -18.85
C ILE A 92 2.70 6.00 -19.37
N PRO A 93 2.95 7.29 -19.63
CA PRO A 93 4.15 7.67 -20.39
C PRO A 93 5.45 7.44 -19.65
N SER A 94 5.42 7.35 -18.32
CA SER A 94 6.60 6.98 -17.55
C SER A 94 7.02 5.53 -17.76
N PHE A 95 6.18 4.72 -18.38
CA PHE A 95 6.52 3.30 -18.52
C PHE A 95 7.72 3.10 -19.44
N ASP A 96 8.55 2.12 -19.10
CA ASP A 96 9.69 1.76 -19.93
C ASP A 96 9.93 0.26 -19.84
N HIS A 97 9.99 -0.41 -20.99
CA HIS A 97 10.17 -1.86 -21.00
C HIS A 97 11.35 -2.28 -20.13
N GLY A 98 12.51 -1.67 -20.38
CA GLY A 98 13.72 -2.06 -19.66
C GLY A 98 13.62 -1.83 -18.17
N SER A 99 13.08 -0.67 -17.76
CA SER A 99 12.93 -0.43 -16.33
C SER A 99 12.01 -1.47 -15.68
N CYS A 100 10.92 -1.83 -16.36
CA CYS A 100 9.96 -2.76 -15.78
C CYS A 100 10.56 -4.16 -15.67
N ARG A 101 11.17 -4.67 -16.74
CA ARG A 101 11.80 -5.99 -16.66
C ARG A 101 12.89 -6.01 -15.60
N SER A 102 13.71 -4.97 -15.53
CA SER A 102 14.78 -4.93 -14.55
C SER A 102 14.22 -4.88 -13.12
N PHE A 103 13.22 -4.03 -12.88
CA PHE A 103 12.53 -4.02 -11.60
C PHE A 103 12.07 -5.43 -11.20
N PHE A 104 11.28 -6.08 -12.06
CA PHE A 104 10.72 -7.38 -11.70
C PHE A 104 11.81 -8.45 -11.58
N SER A 105 12.78 -8.44 -12.49
CA SER A 105 13.91 -9.36 -12.35
C SER A 105 14.61 -9.18 -11.01
N SER A 106 14.78 -7.94 -10.57
CA SER A 106 15.52 -7.64 -9.35
C SER A 106 14.68 -7.88 -8.08
N HIS A 107 13.41 -7.47 -8.07
CA HIS A 107 12.62 -7.49 -6.83
C HIS A 107 11.52 -8.53 -6.81
N GLY A 108 11.18 -9.10 -7.96
CA GLY A 108 9.98 -9.92 -8.00
C GLY A 108 8.77 -9.00 -7.97
N LEU A 109 7.61 -9.63 -7.78
CA LEU A 109 6.34 -8.91 -7.79
C LEU A 109 6.29 -7.88 -6.66
N GLY A 110 5.98 -6.64 -7.00
CA GLY A 110 5.92 -5.64 -5.95
C GLY A 110 5.44 -4.31 -6.48
N VAL A 111 5.43 -3.33 -5.57
CA VAL A 111 4.88 -2.02 -5.88
C VAL A 111 5.95 -1.17 -6.56
N ARG A 112 5.66 -0.71 -7.78
CA ARG A 112 6.49 0.29 -8.43
C ARG A 112 6.15 1.70 -7.99
N ALA A 113 4.85 2.03 -7.87
CA ALA A 113 4.44 3.41 -7.67
C ALA A 113 3.42 3.53 -6.54
N VAL A 114 3.69 4.44 -5.63
CA VAL A 114 2.73 4.92 -4.65
C VAL A 114 2.21 6.25 -5.20
N ALA A 115 0.95 6.30 -5.61
CA ALA A 115 0.44 7.50 -6.27
C ALA A 115 -0.48 8.28 -5.33
N ILE A 116 -0.22 9.58 -5.23
CA ILE A 116 -1.06 10.47 -4.44
C ILE A 116 -1.64 11.54 -5.37
N GLU A 117 -2.90 11.91 -5.12
CA GLU A 117 -3.52 12.95 -5.92
C GLU A 117 -3.13 14.30 -5.31
N VAL A 118 -2.66 15.20 -6.16
CA VAL A 118 -2.27 16.53 -5.74
C VAL A 118 -3.08 17.55 -6.51
N GLU A 119 -2.97 18.81 -6.07
CA GLU A 119 -3.65 19.89 -6.78
C GLU A 119 -3.06 20.10 -8.16
N ASP A 120 -1.74 20.05 -8.27
CA ASP A 120 -1.06 20.39 -9.52
C ASP A 120 0.21 19.54 -9.56
N ALA A 121 0.20 18.48 -10.38
CA ALA A 121 1.31 17.54 -10.42
C ALA A 121 2.58 18.17 -10.96
N GLU A 122 2.47 19.15 -11.87
CA GLU A 122 3.67 19.82 -12.35
C GLU A 122 4.34 20.63 -11.25
N SER A 123 3.56 21.45 -10.54
CA SER A 123 4.17 22.24 -9.46
C SER A 123 4.69 21.34 -8.35
N ALA A 124 3.94 20.29 -8.00
CA ALA A 124 4.43 19.35 -6.98
C ALA A 124 5.75 18.73 -7.40
N PHE A 125 5.89 18.38 -8.68
CA PHE A 125 7.15 17.83 -9.18
C PHE A 125 8.27 18.88 -9.10
N SER A 126 8.00 20.08 -9.63
CA SER A 126 8.99 21.16 -9.58
C SER A 126 9.44 21.43 -8.15
N ILE A 127 8.48 21.63 -7.25
CA ILE A 127 8.82 21.94 -5.87
C ILE A 127 9.59 20.79 -5.23
N SER A 128 9.14 19.54 -5.45
CA SER A 128 9.82 18.39 -4.88
C SER A 128 11.29 18.37 -5.30
N VAL A 129 11.53 18.50 -6.60
CA VAL A 129 12.91 18.43 -7.10
C VAL A 129 13.70 19.66 -6.64
N ALA A 130 13.07 20.82 -6.59
CA ALA A 130 13.77 21.97 -6.02
C ALA A 130 14.16 21.72 -4.58
N ASN A 131 13.49 20.78 -3.89
CA ASN A 131 13.73 20.49 -2.49
C ASN A 131 14.38 19.13 -2.28
N GLY A 132 15.11 18.63 -3.28
CA GLY A 132 15.98 17.48 -3.12
C GLY A 132 15.46 16.18 -3.69
N ALA A 133 14.24 16.13 -4.21
CA ALA A 133 13.72 14.88 -4.76
C ALA A 133 14.48 14.51 -6.02
N ILE A 134 14.75 13.22 -6.20
CA ILE A 134 15.43 12.71 -7.38
C ILE A 134 14.38 12.49 -8.46
N PRO A 135 14.46 13.17 -9.59
CA PRO A 135 13.41 13.04 -10.60
C PRO A 135 13.42 11.64 -11.19
N SER A 136 12.23 11.11 -11.45
CA SER A 136 12.12 9.82 -12.13
C SER A 136 11.42 9.93 -13.47
N SER A 137 10.34 10.69 -13.54
CA SER A 137 9.64 10.93 -14.80
C SER A 137 9.05 12.33 -14.72
N PRO A 138 9.28 13.18 -15.72
CA PRO A 138 8.84 14.57 -15.62
C PRO A 138 7.34 14.70 -15.84
N PRO A 139 6.75 15.85 -15.54
CA PRO A 139 5.30 16.00 -15.72
C PRO A 139 4.93 15.84 -17.18
N ILE A 140 3.87 15.06 -17.42
CA ILE A 140 3.34 14.87 -18.75
C ILE A 140 1.84 15.05 -18.67
N VAL A 141 1.30 15.86 -19.56
CA VAL A 141 -0.13 16.16 -19.57
C VAL A 141 -0.81 15.20 -20.54
N LEU A 142 -1.77 14.43 -20.03
CA LEU A 142 -2.49 13.44 -20.82
C LEU A 142 -3.82 14.04 -21.29
N ASN A 143 -3.97 14.21 -22.61
CA ASN A 143 -5.22 14.64 -23.22
C ASN A 143 -5.78 15.93 -22.61
N GLU A 144 -4.89 16.88 -22.32
CA GLU A 144 -5.25 18.16 -21.68
C GLU A 144 -6.12 17.96 -20.45
N ALA A 145 -6.02 16.81 -19.82
CA ALA A 145 -6.98 16.48 -18.78
C ALA A 145 -6.34 16.08 -17.46
N VAL A 146 -5.26 15.31 -17.50
CA VAL A 146 -4.63 14.77 -16.30
C VAL A 146 -3.12 14.93 -16.43
N THR A 147 -2.48 15.34 -15.34
CA THR A 147 -1.04 15.46 -15.32
C THR A 147 -0.44 14.45 -14.35
N ILE A 148 0.65 13.81 -14.78
CA ILE A 148 1.31 12.78 -13.99
C ILE A 148 2.81 13.04 -13.99
N ALA A 149 3.45 12.83 -12.84
CA ALA A 149 4.88 13.01 -12.70
C ALA A 149 5.37 12.10 -11.58
N GLU A 150 6.68 11.80 -11.58
CA GLU A 150 7.20 10.83 -10.63
C GLU A 150 8.58 11.21 -10.11
N VAL A 151 8.79 10.99 -8.80
CA VAL A 151 10.10 11.16 -8.18
C VAL A 151 10.42 9.90 -7.39
N LYS A 152 11.71 9.70 -7.13
CA LYS A 152 12.12 8.50 -6.39
C LYS A 152 11.72 8.59 -4.93
N LEU A 153 11.16 7.51 -4.40
CA LEU A 153 10.75 7.45 -3.01
C LEU A 153 11.77 6.71 -2.15
N TYR A 154 11.97 5.42 -2.41
CA TYR A 154 13.06 4.63 -1.85
C TYR A 154 13.23 3.41 -2.74
N GLY A 155 14.44 2.87 -2.77
CA GLY A 155 14.75 1.77 -3.69
C GLY A 155 14.33 2.12 -5.10
N ASP A 156 13.59 1.21 -5.74
CA ASP A 156 13.07 1.45 -7.08
C ASP A 156 11.58 1.82 -7.07
N VAL A 157 11.05 2.26 -5.93
CA VAL A 157 9.67 2.72 -5.77
C VAL A 157 9.62 4.21 -6.03
N VAL A 158 8.62 4.65 -6.78
CA VAL A 158 8.44 6.07 -7.06
C VAL A 158 7.20 6.56 -6.32
N LEU A 159 7.24 7.83 -5.94
CA LEU A 159 6.07 8.58 -5.52
C LEU A 159 5.52 9.27 -6.75
N ARG A 160 4.30 8.91 -7.14
CA ARG A 160 3.70 9.41 -8.36
C ARG A 160 2.66 10.46 -8.00
N TYR A 161 2.81 11.66 -8.57
CA TYR A 161 1.83 12.73 -8.44
C TYR A 161 0.84 12.68 -9.60
N VAL A 162 -0.45 12.81 -9.29
CA VAL A 162 -1.49 12.90 -10.31
C VAL A 162 -2.40 14.08 -9.96
N SER A 163 -2.75 14.89 -10.97
CA SER A 163 -3.68 15.99 -10.77
C SER A 163 -4.66 16.05 -11.94
N TYR A 164 -5.90 16.41 -11.64
CA TYR A 164 -6.99 16.45 -12.60
C TYR A 164 -7.46 17.90 -12.77
N LYS A 165 -7.55 18.36 -14.02
CA LYS A 165 -8.18 19.66 -14.25
C LYS A 165 -9.61 19.65 -13.72
N ALA A 166 -10.39 18.64 -14.10
CA ALA A 166 -11.78 18.54 -13.64
C ALA A 166 -11.94 17.52 -12.53
N GLU A 173 -12.35 6.64 -16.42
CA GLU A 173 -12.13 7.90 -15.71
C GLU A 173 -10.79 7.90 -14.99
N PHE A 174 -10.14 6.75 -14.93
CA PHE A 174 -8.87 6.61 -14.21
C PHE A 174 -7.81 7.52 -14.84
N LEU A 175 -7.36 7.18 -16.04
CA LEU A 175 -6.42 7.98 -16.82
C LEU A 175 -6.90 7.98 -18.26
N PRO A 176 -6.62 9.04 -19.01
CA PRO A 176 -6.88 9.00 -20.46
C PRO A 176 -6.23 7.77 -21.07
N GLY A 177 -6.89 7.22 -22.10
CA GLY A 177 -6.42 6.02 -22.75
C GLY A 177 -6.86 4.73 -22.09
N PHE A 178 -7.31 4.76 -20.85
CA PHE A 178 -7.92 3.60 -20.23
C PHE A 178 -9.38 3.51 -20.66
N GLU A 179 -9.89 2.29 -20.74
CA GLU A 179 -11.30 2.07 -21.05
C GLU A 179 -12.00 1.42 -19.87
N ARG A 180 -13.27 1.79 -19.67
CA ARG A 180 -14.15 1.07 -18.75
C ARG A 180 -14.28 -0.38 -19.20
N VAL A 181 -14.27 -1.28 -18.24
CA VAL A 181 -14.32 -2.70 -18.58
C VAL A 181 -15.77 -3.13 -18.78
N GLU A 182 -15.98 -3.99 -19.79
CA GLU A 182 -17.29 -4.52 -20.14
C GLU A 182 -17.96 -5.12 -18.91
N ASP A 183 -19.27 -4.87 -18.78
CA ASP A 183 -20.00 -5.30 -17.59
C ASP A 183 -19.79 -6.78 -17.29
N ALA A 184 -19.79 -7.62 -18.33
CA ALA A 184 -19.75 -9.06 -18.13
C ALA A 184 -18.44 -9.51 -17.48
N SER A 185 -17.33 -8.86 -17.83
CA SER A 185 -16.05 -9.14 -17.22
C SER A 185 -15.85 -8.41 -15.89
N SER A 186 -16.80 -7.57 -15.50
CA SER A 186 -16.72 -6.80 -14.26
C SER A 186 -17.76 -7.37 -13.29
N PHE A 187 -17.35 -8.37 -12.51
CA PHE A 187 -18.16 -8.94 -11.45
C PHE A 187 -18.08 -8.06 -10.21
N PRO A 188 -19.26 -7.66 -9.57
CA PRO A 188 -19.22 -6.65 -8.50
C PRO A 188 -18.80 -7.23 -7.15
N LEU A 189 -17.61 -7.83 -7.10
CA LEU A 189 -17.08 -8.31 -5.83
C LEU A 189 -16.88 -7.15 -4.86
N ASP A 190 -17.05 -7.43 -3.58
CA ASP A 190 -16.84 -6.43 -2.54
C ASP A 190 -16.80 -7.12 -1.17
N TYR A 191 -15.64 -7.13 -0.52
CA TYR A 191 -15.56 -7.71 0.82
C TYR A 191 -15.45 -6.65 1.90
N GLY A 192 -15.65 -5.38 1.55
CA GLY A 192 -15.66 -4.30 2.52
C GLY A 192 -14.45 -3.39 2.51
N ILE A 193 -13.40 -3.70 1.74
CA ILE A 193 -12.25 -2.79 1.69
C ILE A 193 -12.63 -1.50 0.99
N ARG A 194 -12.18 -0.36 1.55
CA ARG A 194 -12.66 0.94 1.09
C ARG A 194 -11.55 1.92 0.70
N ARG A 195 -10.36 1.85 1.31
CA ARG A 195 -9.34 2.81 0.92
C ARG A 195 -7.98 2.37 1.46
N LEU A 196 -6.93 2.98 0.91
CA LEU A 196 -5.58 2.76 1.42
C LEU A 196 -5.33 3.62 2.65
N ASP A 197 -5.00 2.99 3.77
CA ASP A 197 -4.75 3.74 4.99
C ASP A 197 -3.30 4.23 5.05
N HIS A 198 -2.35 3.35 4.77
CA HIS A 198 -0.93 3.72 4.73
C HIS A 198 -0.13 2.71 3.91
N ALA A 199 1.07 3.13 3.51
CA ALA A 199 1.98 2.33 2.69
C ALA A 199 3.38 2.42 3.26
N VAL A 200 3.99 1.27 3.50
CA VAL A 200 5.16 1.17 4.38
C VAL A 200 6.38 0.73 3.59
N GLY A 201 7.47 1.49 3.73
CA GLY A 201 8.73 1.15 3.09
C GLY A 201 9.72 0.54 4.06
N ASN A 202 10.54 -0.38 3.54
CA ASN A 202 11.70 -0.92 4.26
C ASN A 202 12.97 -0.37 3.62
N VAL A 203 13.90 0.11 4.45
CA VAL A 203 15.18 0.64 3.96
C VAL A 203 16.29 0.13 4.86
N PRO A 204 17.55 0.14 4.38
CA PRO A 204 18.66 -0.20 5.27
C PRO A 204 18.93 0.85 6.35
N GLU A 205 18.69 2.13 6.06
CA GLU A 205 19.00 3.22 6.99
C GLU A 205 17.82 4.19 7.06
N LEU A 206 17.14 4.21 8.21
CA LEU A 206 15.93 5.02 8.35
C LEU A 206 16.22 6.52 8.29
N GLY A 207 17.29 6.97 8.93
CA GLY A 207 17.57 8.39 9.04
C GLY A 207 17.63 9.11 7.71
N PRO A 208 18.56 8.68 6.83
CA PRO A 208 18.65 9.30 5.50
C PRO A 208 17.37 9.17 4.67
N ALA A 209 16.67 8.06 4.78
CA ALA A 209 15.40 7.93 4.07
C ALA A 209 14.39 8.97 4.53
N LEU A 210 14.24 9.11 5.86
CA LEU A 210 13.30 10.10 6.40
C LEU A 210 13.67 11.51 5.97
N THR A 211 14.94 11.88 6.14
CA THR A 211 15.40 13.23 5.81
C THR A 211 15.12 13.57 4.35
N TYR A 212 15.40 12.61 3.45
CA TYR A 212 15.16 12.80 2.03
C TYR A 212 13.68 13.02 1.73
N VAL A 213 12.81 12.09 2.15
CA VAL A 213 11.40 12.20 1.80
C VAL A 213 10.76 13.41 2.47
N ALA A 214 10.94 13.55 3.79
CA ALA A 214 10.41 14.75 4.45
C ALA A 214 11.03 16.02 3.86
N GLY A 215 12.27 15.93 3.38
CA GLY A 215 12.90 17.08 2.75
C GLY A 215 12.10 17.64 1.59
N PHE A 216 11.68 16.78 0.66
CA PHE A 216 11.07 17.27 -0.57
C PHE A 216 9.54 17.35 -0.52
N THR A 217 8.90 16.72 0.47
CA THR A 217 7.46 16.81 0.60
C THR A 217 7.00 17.88 1.58
N GLY A 218 7.79 18.12 2.63
CA GLY A 218 7.27 18.83 3.77
C GLY A 218 6.43 17.97 4.70
N PHE A 219 6.39 16.66 4.48
CA PHE A 219 5.62 15.79 5.36
C PHE A 219 6.26 15.77 6.74
N HIS A 220 5.42 15.78 7.78
CA HIS A 220 5.90 15.86 9.15
C HIS A 220 5.85 14.51 9.81
N GLN A 221 6.63 14.37 10.87
CA GLN A 221 6.59 13.15 11.67
C GLN A 221 5.26 13.05 12.41
N PHE A 222 4.62 11.90 12.26
CA PHE A 222 3.36 11.59 12.94
C PHE A 222 3.68 10.88 14.25
N ALA A 223 3.13 11.40 15.35
CA ALA A 223 3.52 10.92 16.67
C ALA A 223 3.00 9.51 16.94
N GLU A 224 3.90 8.65 17.43
CA GLU A 224 3.58 7.30 17.85
C GLU A 224 3.40 7.27 19.36
N PHE A 225 2.58 6.34 19.83
CA PHE A 225 2.27 6.12 21.25
C PHE A 225 1.37 7.25 21.83
N SER A 235 9.86 -5.27 17.82
CA SER A 235 11.20 -5.84 17.80
C SER A 235 11.65 -6.11 16.36
N GLY A 236 12.96 -5.98 16.13
CA GLY A 236 13.52 -6.17 14.82
C GLY A 236 13.56 -4.93 13.94
N LEU A 237 12.92 -3.84 14.35
CA LEU A 237 12.83 -2.65 13.52
C LEU A 237 12.84 -1.38 14.37
N ASN A 238 13.25 -0.28 13.72
CA ASN A 238 12.89 1.07 14.11
C ASN A 238 12.10 1.69 12.96
N SER A 239 11.20 2.60 13.29
CA SER A 239 10.34 3.16 12.26
C SER A 239 9.89 4.55 12.65
N ALA A 240 9.41 5.27 11.65
CA ALA A 240 8.84 6.59 11.80
C ALA A 240 7.86 6.80 10.66
N VAL A 241 6.86 7.64 10.91
CA VAL A 241 5.75 7.83 9.99
C VAL A 241 5.74 9.28 9.52
N LEU A 242 5.75 9.47 8.20
CA LEU A 242 5.58 10.79 7.60
C LEU A 242 4.13 10.98 7.17
N ALA A 243 3.61 12.20 7.36
CA ALA A 243 2.21 12.48 7.12
C ALA A 243 2.03 13.81 6.42
N SER A 244 1.00 13.89 5.57
CA SER A 244 0.62 15.13 4.93
C SER A 244 -0.10 16.03 5.95
N ASN A 245 -0.55 17.20 5.48
CA ASN A 245 -1.08 18.22 6.39
C ASN A 245 -2.28 17.71 7.19
N ASP A 246 -3.26 17.10 6.51
CA ASP A 246 -4.41 16.55 7.21
C ASP A 246 -4.19 15.12 7.67
N GLU A 247 -2.97 14.61 7.53
CA GLU A 247 -2.56 13.29 8.01
C GLU A 247 -3.37 12.15 7.40
N MET A 248 -3.89 12.36 6.19
CA MET A 248 -4.56 11.31 5.43
C MET A 248 -3.60 10.55 4.51
N VAL A 249 -2.47 11.14 4.16
CA VAL A 249 -1.42 10.42 3.46
C VAL A 249 -0.36 10.07 4.49
N LEU A 250 -0.16 8.76 4.70
CA LEU A 250 0.68 8.24 5.78
C LEU A 250 1.73 7.31 5.18
N LEU A 251 2.99 7.66 5.37
CA LEU A 251 4.10 6.95 4.74
C LEU A 251 5.09 6.54 5.82
N PRO A 252 4.84 5.42 6.50
CA PRO A 252 5.83 4.90 7.44
C PRO A 252 7.05 4.32 6.72
N ILE A 253 8.19 4.35 7.41
CA ILE A 253 9.45 3.78 6.91
C ILE A 253 10.12 3.03 8.05
N ASN A 254 10.64 1.84 7.76
CA ASN A 254 11.32 0.97 8.72
C ASN A 254 12.77 0.75 8.31
N GLU A 255 13.61 0.52 9.30
CA GLU A 255 14.95 0.00 9.14
C GLU A 255 15.10 -1.19 10.06
N PRO A 256 16.05 -2.09 9.80
CA PRO A 256 16.21 -3.25 10.68
C PRO A 256 17.00 -2.90 11.94
N VAL A 257 16.85 -3.75 12.96
CA VAL A 257 17.65 -3.68 14.18
C VAL A 257 18.47 -4.96 14.24
N HIS A 258 19.79 -4.84 14.10
CA HIS A 258 20.65 -5.96 13.78
C HIS A 258 21.20 -6.65 15.03
N GLY A 259 21.70 -7.86 14.82
CA GLY A 259 22.36 -8.62 15.87
C GLY A 259 21.48 -8.97 17.05
N THR A 260 20.22 -9.30 16.78
CA THR A 260 19.25 -9.57 17.83
C THR A 260 19.29 -11.02 18.26
N LYS A 261 18.12 -11.62 18.51
CA LYS A 261 17.99 -13.05 18.72
C LYS A 261 17.32 -13.69 17.51
N ARG A 262 16.03 -13.42 17.29
CA ARG A 262 15.35 -13.81 16.06
C ARG A 262 15.66 -12.78 14.97
N LYS A 263 16.17 -13.25 13.83
CA LYS A 263 16.59 -12.35 12.75
C LYS A 263 15.50 -11.36 12.38
N SER A 264 15.91 -10.11 12.13
CA SER A 264 14.98 -9.05 11.79
C SER A 264 14.26 -9.35 10.47
N GLN A 265 12.93 -9.26 10.49
CA GLN A 265 12.17 -9.42 9.26
C GLN A 265 12.42 -8.28 8.27
N ILE A 266 12.86 -7.11 8.76
CA ILE A 266 13.26 -6.04 7.85
C ILE A 266 14.51 -6.43 7.09
N GLN A 267 15.48 -7.06 7.78
CA GLN A 267 16.67 -7.53 7.10
C GLN A 267 16.34 -8.65 6.12
N THR A 268 15.49 -9.59 6.54
CA THR A 268 15.04 -10.64 5.62
C THR A 268 14.40 -10.05 4.37
N TYR A 269 13.60 -8.99 4.54
CA TYR A 269 13.02 -8.31 3.37
C TYR A 269 14.11 -7.79 2.43
N LEU A 270 15.09 -7.06 2.97
CA LEU A 270 16.09 -6.43 2.12
C LEU A 270 16.88 -7.47 1.34
N GLU A 271 17.19 -8.59 1.98
CA GLU A 271 17.93 -9.65 1.29
C GLU A 271 17.11 -10.22 0.12
N HIS A 272 15.87 -10.61 0.39
CA HIS A 272 15.09 -11.26 -0.67
C HIS A 272 14.57 -10.27 -1.71
N ASN A 273 14.41 -9.01 -1.36
CA ASN A 273 13.95 -7.99 -2.31
C ASN A 273 15.08 -7.37 -3.11
N GLU A 274 16.33 -7.73 -2.81
CA GLU A 274 17.50 -7.02 -3.34
C GLU A 274 17.40 -5.53 -3.02
N GLY A 275 17.20 -5.22 -1.75
CA GLY A 275 17.31 -3.86 -1.26
C GLY A 275 15.96 -3.25 -0.93
N ALA A 276 15.98 -1.92 -0.75
CA ALA A 276 14.84 -1.21 -0.22
C ALA A 276 13.63 -1.33 -1.15
N GLY A 277 12.44 -1.27 -0.56
CA GLY A 277 11.23 -1.29 -1.34
C GLY A 277 10.02 -1.23 -0.42
N LEU A 278 8.84 -1.38 -1.01
CA LEU A 278 7.63 -1.27 -0.23
C LEU A 278 7.36 -2.57 0.51
N GLN A 279 7.14 -2.47 1.83
CA GLN A 279 6.96 -3.63 2.69
C GLN A 279 5.49 -4.06 2.80
N HIS A 280 4.60 -3.15 3.19
CA HIS A 280 3.21 -3.56 3.23
C HIS A 280 2.27 -2.40 2.91
N LEU A 281 1.08 -2.77 2.45
CA LEU A 281 -0.02 -1.86 2.15
C LEU A 281 -1.12 -2.13 3.18
N ALA A 282 -1.55 -1.10 3.88
CA ALA A 282 -2.62 -1.25 4.86
C ALA A 282 -3.91 -0.74 4.26
N LEU A 283 -4.90 -1.62 4.18
CA LEU A 283 -6.16 -1.34 3.48
C LEU A 283 -7.26 -1.23 4.52
N MET A 284 -7.90 -0.06 4.56
CA MET A 284 -8.98 0.16 5.51
C MET A 284 -10.24 -0.57 5.04
N SER A 285 -10.87 -1.28 5.96
CA SER A 285 -12.16 -1.92 5.72
C SER A 285 -13.24 -1.20 6.54
N GLU A 286 -14.42 -1.04 5.95
CA GLU A 286 -15.54 -0.52 6.75
C GLU A 286 -16.21 -1.59 7.59
N ASP A 287 -15.74 -2.84 7.52
CA ASP A 287 -16.31 -3.92 8.33
C ASP A 287 -15.26 -5.04 8.30
N ILE A 288 -14.30 -4.96 9.22
CA ILE A 288 -13.15 -5.84 9.16
C ILE A 288 -13.56 -7.28 9.46
N PHE A 289 -14.65 -7.47 10.20
CA PHE A 289 -15.15 -8.81 10.44
C PHE A 289 -15.59 -9.46 9.14
N ARG A 290 -16.38 -8.75 8.33
CA ARG A 290 -16.84 -9.33 7.08
C ARG A 290 -15.69 -9.49 6.09
N THR A 291 -14.80 -8.49 5.99
CA THR A 291 -13.65 -8.62 5.10
C THR A 291 -12.86 -9.88 5.41
N LEU A 292 -12.55 -10.11 6.67
CA LEU A 292 -11.72 -11.25 7.00
C LEU A 292 -12.48 -12.56 6.88
N ARG A 293 -13.78 -12.57 7.17
CA ARG A 293 -14.56 -13.77 6.88
C ARG A 293 -14.48 -14.12 5.40
N GLU A 294 -14.66 -13.11 4.55
CA GLU A 294 -14.68 -13.37 3.12
C GLU A 294 -13.28 -13.73 2.61
N MET A 295 -12.24 -13.05 3.10
CA MET A 295 -10.89 -13.39 2.64
C MET A 295 -10.47 -14.77 3.11
N ARG A 296 -10.83 -15.14 4.35
CA ARG A 296 -10.42 -16.42 4.88
C ARG A 296 -11.13 -17.59 4.19
N LYS A 297 -12.38 -17.40 3.77
CA LYS A 297 -13.06 -18.45 3.01
C LYS A 297 -12.33 -18.77 1.71
N ARG A 298 -11.60 -17.79 1.18
CA ARG A 298 -10.97 -17.93 -0.13
C ARG A 298 -9.47 -18.18 -0.06
N SER A 299 -8.90 -18.29 1.15
CA SER A 299 -7.45 -18.40 1.28
C SER A 299 -6.89 -19.57 0.48
N SER A 300 -7.53 -20.73 0.55
CA SER A 300 -7.02 -21.94 -0.07
C SER A 300 -7.66 -22.24 -1.42
N ILE A 301 -8.46 -21.30 -1.94
CA ILE A 301 -9.02 -21.44 -3.27
C ILE A 301 -8.68 -20.22 -4.11
N GLY A 302 -7.43 -19.77 -4.04
CA GLY A 302 -6.91 -18.75 -4.93
C GLY A 302 -6.66 -17.42 -4.26
N GLY A 303 -7.09 -17.23 -3.02
CA GLY A 303 -6.98 -15.94 -2.33
C GLY A 303 -5.68 -15.81 -1.55
N PHE A 304 -5.75 -15.08 -0.44
CA PHE A 304 -4.58 -14.79 0.37
C PHE A 304 -4.62 -15.56 1.69
N ASP A 305 -3.45 -15.97 2.16
CA ASP A 305 -3.27 -16.59 3.46
C ASP A 305 -2.95 -15.51 4.48
N PHE A 306 -3.23 -15.83 5.73
CA PHE A 306 -3.01 -14.90 6.83
C PHE A 306 -1.94 -15.46 7.75
N MET A 307 -1.28 -14.56 8.47
CA MET A 307 -0.33 -14.97 9.49
C MET A 307 -1.03 -15.86 10.52
N PRO A 308 -0.30 -16.78 11.16
CA PRO A 308 -0.92 -17.64 12.16
C PRO A 308 -1.57 -16.84 13.28
N SER A 309 -2.72 -17.31 13.75
CA SER A 309 -3.48 -16.54 14.70
C SER A 309 -2.76 -16.46 16.05
N PRO A 310 -2.99 -15.38 16.80
CA PRO A 310 -2.47 -15.32 18.17
C PRO A 310 -3.12 -16.40 19.03
N PRO A 311 -2.48 -16.81 20.11
CA PRO A 311 -3.05 -17.88 20.94
C PRO A 311 -4.23 -17.36 21.74
N PRO A 312 -5.04 -18.25 22.32
CA PRO A 312 -6.22 -17.80 23.06
C PRO A 312 -5.90 -16.86 24.20
N THR A 313 -4.70 -16.94 24.77
CA THR A 313 -4.30 -16.02 25.84
C THR A 313 -4.31 -14.57 25.36
N TYR A 314 -3.91 -14.34 24.11
CA TYR A 314 -3.99 -12.98 23.58
C TYR A 314 -5.42 -12.47 23.63
N TYR A 315 -6.39 -13.34 23.33
CA TYR A 315 -7.78 -12.89 23.30
C TYR A 315 -8.38 -12.80 24.68
N GLN A 316 -7.94 -13.63 25.63
CA GLN A 316 -8.33 -13.44 27.03
C GLN A 316 -7.83 -12.10 27.54
N ASN A 317 -6.60 -11.72 27.18
CA ASN A 317 -6.03 -10.44 27.60
C ASN A 317 -6.72 -9.24 26.96
N LEU A 318 -7.52 -9.45 25.91
CA LEU A 318 -8.19 -8.33 25.25
C LEU A 318 -9.25 -7.70 26.14
N LYS A 319 -9.87 -8.50 27.02
CA LYS A 319 -10.90 -7.95 27.90
C LYS A 319 -10.36 -6.80 28.73
N LYS A 320 -9.16 -6.98 29.33
CA LYS A 320 -8.59 -5.93 30.17
C LYS A 320 -8.09 -4.74 29.36
N ARG A 321 -7.77 -4.93 28.08
CA ARG A 321 -7.22 -3.83 27.30
C ARG A 321 -8.29 -3.02 26.58
N VAL A 322 -9.31 -3.68 26.04
CA VAL A 322 -10.27 -3.00 25.17
C VAL A 322 -11.69 -3.40 25.51
N GLY A 323 -11.90 -3.95 26.71
CA GLY A 323 -13.23 -4.38 27.13
C GLY A 323 -14.28 -3.29 27.12
N ASP A 324 -13.86 -2.02 27.14
CA ASP A 324 -14.76 -0.89 27.05
C ASP A 324 -15.07 -0.48 25.62
N VAL A 325 -14.31 -0.98 24.66
CA VAL A 325 -14.51 -0.67 23.24
C VAL A 325 -15.24 -1.78 22.52
N LEU A 326 -14.91 -3.02 22.83
CA LEU A 326 -15.43 -4.20 22.14
C LEU A 326 -16.17 -5.08 23.14
N SER A 327 -17.38 -5.48 22.79
CA SER A 327 -18.12 -6.44 23.59
C SER A 327 -17.40 -7.79 23.59
N ASP A 328 -17.82 -8.66 24.51
CA ASP A 328 -17.22 -9.99 24.57
C ASP A 328 -17.49 -10.78 23.30
N ASP A 329 -18.67 -10.59 22.69
CA ASP A 329 -18.96 -11.25 21.43
C ASP A 329 -18.08 -10.71 20.30
N GLN A 330 -17.90 -9.38 20.25
CA GLN A 330 -17.00 -8.79 19.28
C GLN A 330 -15.57 -9.25 19.51
N ILE A 331 -15.19 -9.49 20.77
CA ILE A 331 -13.86 -10.03 21.05
C ILE A 331 -13.76 -11.48 20.58
N LYS A 332 -14.81 -12.28 20.83
CA LYS A 332 -14.82 -13.65 20.33
C LYS A 332 -14.80 -13.67 18.80
N GLU A 333 -15.39 -12.68 18.16
CA GLU A 333 -15.31 -12.59 16.70
C GLU A 333 -13.88 -12.30 16.25
N CYS A 334 -13.18 -11.39 16.95
CA CYS A 334 -11.75 -11.18 16.69
C CYS A 334 -10.97 -12.49 16.84
N GLU A 335 -11.29 -13.27 17.87
CA GLU A 335 -10.59 -14.53 18.08
C GLU A 335 -10.84 -15.50 16.93
N GLU A 336 -12.10 -15.61 16.49
CA GLU A 336 -12.41 -16.48 15.36
C GLU A 336 -11.59 -16.12 14.12
N LEU A 337 -11.43 -14.83 13.86
CA LEU A 337 -10.82 -14.36 12.62
C LEU A 337 -9.32 -14.10 12.75
N GLY A 338 -8.75 -14.27 13.94
CA GLY A 338 -7.33 -14.04 14.13
C GLY A 338 -6.92 -12.59 14.11
N ILE A 339 -7.84 -11.69 14.47
CA ILE A 339 -7.61 -10.25 14.41
C ILE A 339 -6.81 -9.79 15.62
N LEU A 340 -5.86 -8.88 15.38
CA LEU A 340 -5.10 -8.19 16.43
C LEU A 340 -5.77 -6.88 16.77
N VAL A 341 -5.58 -6.44 18.02
CA VAL A 341 -6.14 -5.20 18.49
C VAL A 341 -5.06 -4.44 19.25
N ASP A 342 -4.94 -3.15 18.98
CA ASP A 342 -4.08 -2.28 19.75
C ASP A 342 -4.82 -0.97 19.99
N ARG A 343 -4.26 -0.14 20.86
CA ARG A 343 -4.97 1.03 21.30
C ARG A 343 -4.01 2.19 21.59
N ASP A 344 -4.47 3.38 21.24
CA ASP A 344 -3.80 4.65 21.37
C ASP A 344 -4.20 5.33 22.67
N ASP A 345 -4.01 6.64 22.74
CA ASP A 345 -4.73 7.53 23.64
C ASP A 345 -5.94 8.17 22.97
N GLN A 346 -6.04 8.05 21.65
CA GLN A 346 -7.12 8.65 20.87
C GLN A 346 -8.11 7.62 20.34
N GLY A 347 -7.66 6.42 20.00
CA GLY A 347 -8.55 5.46 19.38
C GLY A 347 -8.05 4.03 19.48
N THR A 348 -8.82 3.13 18.88
CA THR A 348 -8.56 1.69 18.88
C THR A 348 -8.44 1.20 17.44
N LEU A 349 -7.50 0.30 17.18
CA LEU A 349 -7.41 -0.27 15.84
C LEU A 349 -7.47 -1.79 15.88
N LEU A 350 -8.16 -2.34 14.90
CA LEU A 350 -8.17 -3.76 14.63
C LEU A 350 -7.34 -4.02 13.37
N GLN A 351 -6.48 -5.04 13.40
CA GLN A 351 -5.57 -5.27 12.28
C GLN A 351 -5.24 -6.75 12.14
N ILE A 352 -4.85 -7.13 10.92
CA ILE A 352 -4.36 -8.47 10.65
C ILE A 352 -3.46 -8.39 9.43
N PHE A 353 -2.52 -9.33 9.31
CA PHE A 353 -1.52 -9.32 8.26
C PHE A 353 -1.63 -10.58 7.42
N THR A 354 -1.51 -10.42 6.09
CA THR A 354 -1.44 -11.58 5.22
C THR A 354 -0.03 -12.15 5.22
N LYS A 355 0.09 -13.40 4.80
CA LYS A 355 1.37 -13.92 4.38
C LYS A 355 1.80 -13.16 3.13
N PRO A 356 3.07 -13.28 2.72
CA PRO A 356 3.53 -12.56 1.53
C PRO A 356 2.66 -12.79 0.30
N LEU A 357 2.51 -11.74 -0.51
CA LEU A 357 1.59 -11.76 -1.64
C LEU A 357 2.10 -12.63 -2.79
N GLY A 358 3.42 -12.83 -2.90
CA GLY A 358 3.94 -13.66 -3.99
C GLY A 358 5.00 -14.62 -3.53
N ASP A 359 5.94 -14.97 -4.43
CA ASP A 359 6.94 -15.99 -4.12
C ASP A 359 7.89 -15.57 -3.01
N ARG A 360 8.24 -14.28 -2.95
CA ARG A 360 9.30 -13.89 -2.03
C ARG A 360 8.73 -13.38 -0.72
N PRO A 361 9.49 -13.57 0.40
CA PRO A 361 9.02 -13.08 1.71
C PRO A 361 9.26 -11.58 1.85
N THR A 362 8.55 -10.81 1.02
CA THR A 362 8.79 -9.38 0.90
C THR A 362 7.48 -8.66 1.17
N ILE A 363 6.69 -8.32 0.15
CA ILE A 363 5.51 -7.49 0.33
C ILE A 363 4.37 -8.33 0.91
N PHE A 364 3.61 -7.73 1.82
CA PHE A 364 2.38 -8.33 2.33
C PHE A 364 1.34 -7.22 2.47
N ILE A 365 0.14 -7.62 2.86
CA ILE A 365 -0.99 -6.71 3.04
C ILE A 365 -1.48 -6.78 4.48
N GLU A 366 -1.91 -5.62 4.99
CA GLU A 366 -2.57 -5.48 6.29
C GLU A 366 -4.00 -5.03 6.06
N ILE A 367 -4.95 -5.65 6.75
CA ILE A 367 -6.32 -5.13 6.76
C ILE A 367 -6.52 -4.41 8.08
N ILE A 368 -7.14 -3.24 8.03
CA ILE A 368 -7.22 -2.35 9.19
C ILE A 368 -8.61 -1.73 9.30
N GLN A 369 -9.08 -1.59 10.55
CA GLN A 369 -10.23 -0.74 10.83
C GLN A 369 -9.97 0.02 12.13
N ARG A 370 -10.32 1.29 12.14
CA ARG A 370 -10.01 2.20 13.24
C ARG A 370 -11.29 2.67 13.93
N VAL A 371 -11.26 2.72 15.25
CA VAL A 371 -12.40 3.16 16.07
C VAL A 371 -11.99 4.39 16.87
N GLY A 372 -12.69 5.51 16.67
CA GLY A 372 -12.49 6.69 17.48
C GLY A 372 -12.17 7.91 16.63
N CYS A 373 -11.61 8.92 17.31
CA CYS A 373 -11.13 10.17 16.68
C CYS A 373 -12.17 10.76 15.73
N MET A 374 -13.40 10.88 16.21
CA MET A 374 -14.45 11.48 15.40
C MET A 374 -14.47 12.99 15.60
N MET A 375 -14.61 13.73 14.51
CA MET A 375 -14.70 15.18 14.53
C MET A 375 -15.89 15.61 13.69
N TYR A 383 -16.25 13.05 10.39
CA TYR A 383 -15.15 12.30 9.78
C TYR A 383 -14.20 11.77 10.85
N GLN A 384 -13.32 10.85 10.46
CA GLN A 384 -12.31 10.27 11.33
C GLN A 384 -10.94 10.81 10.97
N SER A 385 -10.18 11.26 11.96
CA SER A 385 -8.85 11.77 11.66
C SER A 385 -7.90 10.60 11.39
N GLY A 386 -6.85 10.87 10.62
CA GLY A 386 -6.01 9.79 10.14
C GLY A 386 -5.10 9.26 11.22
N GLY A 387 -4.74 7.98 11.07
CA GLY A 387 -3.89 7.36 12.05
C GLY A 387 -4.54 7.11 13.39
N CYS A 388 -5.86 7.30 13.48
CA CYS A 388 -6.56 7.06 14.74
C CYS A 388 -6.26 5.68 15.29
N GLY A 389 -5.63 5.64 16.45
CA GLY A 389 -5.24 4.38 17.05
C GLY A 389 -3.79 4.02 16.83
N GLY A 390 -3.09 4.74 15.95
CA GLY A 390 -1.70 4.42 15.67
C GLY A 390 -1.55 3.31 14.64
N PHE A 391 -0.53 2.46 14.81
CA PHE A 391 -0.21 1.46 13.80
C PHE A 391 -0.01 0.08 14.37
N GLY A 392 -0.33 -0.13 15.65
CA GLY A 392 -0.29 -1.45 16.23
C GLY A 392 1.03 -1.83 16.84
N LYS A 393 1.90 -0.86 17.10
CA LYS A 393 3.24 -1.19 17.59
C LYS A 393 3.19 -1.92 18.93
N GLY A 394 2.18 -1.63 19.76
CA GLY A 394 2.06 -2.33 21.04
C GLY A 394 1.76 -3.81 20.92
N ASN A 395 1.49 -4.31 19.70
CA ASN A 395 1.11 -5.71 19.54
C ASN A 395 2.31 -6.66 19.55
N PHE A 396 3.53 -6.15 19.32
CA PHE A 396 4.71 -6.99 19.47
C PHE A 396 4.84 -7.49 20.91
N SER A 397 4.78 -6.55 21.87
CA SER A 397 4.83 -6.91 23.28
C SER A 397 3.64 -7.79 23.68
N GLU A 398 2.44 -7.40 23.26
CA GLU A 398 1.24 -8.13 23.66
C GLU A 398 1.29 -9.57 23.15
N LEU A 399 1.72 -9.76 21.90
CA LEU A 399 1.78 -11.11 21.35
C LEU A 399 2.86 -11.94 22.02
N PHE A 400 4.01 -11.32 22.32
CA PHE A 400 5.08 -12.00 23.01
C PHE A 400 4.62 -12.47 24.41
N LYS A 401 4.07 -11.55 25.20
CA LYS A 401 3.55 -11.91 26.51
C LYS A 401 2.46 -12.98 26.38
N SER A 402 1.60 -12.84 25.38
CA SER A 402 0.57 -13.84 25.12
C SER A 402 1.19 -15.20 24.82
N ILE A 403 2.29 -15.22 24.06
CA ILE A 403 2.97 -16.47 23.75
C ILE A 403 3.52 -17.11 25.02
N GLU A 404 4.18 -16.31 25.87
CA GLU A 404 4.69 -16.83 27.13
C GLU A 404 3.57 -17.42 27.97
N GLU A 405 2.46 -16.69 28.10
CA GLU A 405 1.34 -17.16 28.90
C GLU A 405 0.73 -18.43 28.33
N TYR A 406 0.70 -18.55 27.00
CA TYR A 406 0.08 -19.73 26.40
C TYR A 406 0.93 -20.97 26.61
N GLU A 407 2.25 -20.84 26.49
CA GLU A 407 3.13 -21.95 26.85
C GLU A 407 2.93 -22.35 28.31
N LYS A 408 2.64 -21.38 29.16
CA LYS A 408 2.46 -21.66 30.59
C LYS A 408 1.26 -22.57 30.84
N THR A 409 0.20 -22.41 30.06
CA THR A 409 -0.99 -23.25 30.24
C THR A 409 -0.73 -24.70 29.79
CO CO B . 0.78 -1.04 9.22
C10 WI0 C . 3.79 -7.47 12.24
C13 WI0 C . 2.52 -2.36 11.30
C22 WI0 C . 4.40 -0.92 12.50
C24 WI0 C . 4.20 2.35 11.05
C26 WI0 C . 4.46 -10.82 9.30
C28 WI0 C . 3.08 -9.43 15.63
C01 WI0 C . 2.59 -3.58 12.21
C02 WI0 C . 1.98 -3.43 13.60
C03 WI0 C . 2.01 -4.64 14.53
C04 WI0 C . 2.63 -5.95 14.00
C05 WI0 C . 3.21 -6.12 12.64
C06 WI0 C . 3.19 -4.89 11.69
N07 WI0 C . 2.62 -7.05 14.95
C08 WI0 C . 3.19 -8.37 14.56
N09 WI0 C . 3.77 -8.59 13.18
C11 WI0 C . 4.33 -9.90 12.83
O12 WI0 C . 4.27 -7.62 11.15
C14 WI0 C . 3.37 -1.11 11.58
O15 WI0 C . 1.71 -2.41 10.42
C16 WI0 C . 3.74 -10.47 11.53
O17 WI0 C . 4.64 -10.13 10.51
C18 WI0 C . 3.75 -4.92 10.27
C19 WI0 C . 3.18 0.07 10.95
N20 WI0 C . 4.04 0.96 11.43
N21 WI0 C . 4.81 0.33 12.40
O23 WI0 C . 2.20 0.29 9.95
C25 WI0 C . 5.03 -1.93 13.47
C27 WI0 C . 3.76 -9.90 8.30
F29 WI0 C . 4.28 -10.03 15.86
F30 WI0 C . 2.63 -8.83 16.77
F31 WI0 C . 2.13 -10.32 15.21
#